data_3OY8
#
_entry.id   3OY8
#
_cell.length_a   44.711
_cell.length_b   58.570
_cell.length_c   111.622
_cell.angle_alpha   90.00
_cell.angle_beta   90.00
_cell.angle_gamma   90.00
#
_symmetry.space_group_name_H-M   'P 21 21 21'
#
loop_
_entity.id
_entity.type
_entity.pdbx_description
1 polymer Galectin-1
2 polymer Galectin-1
3 branched 'beta-D-galactopyranose-(1-4)-D-gluconic acid'
4 water water
#
loop_
_entity_poly.entity_id
_entity_poly.type
_entity_poly.pdbx_seq_one_letter_code
_entity_poly.pdbx_strand_id
1 'polypeptide(L)'
;ACGLVASNLNLKPGE(CSO)LRVRGEVAPDAKSFVLNLGKDSNNLCLHFNPRFNAHGDANTIVCNSKDGGAWGTEQREAV
FPFQPGSVAEV(CSO)ITFDQANLTVKLPDGYEFKFPNRLNLEAINYMAADGDFKIK(CME)VAFD
;
A
2 'polypeptide(L)'
;ACGLVASNLNLKPGE(CSO)LRVRGEVAPDAKSFVLNLGKDSNNLCLHFNPRFNAHGDANTIVCNSKDGGAWGTEQREAV
FPFQPGSVAEV(CME)ITFDQANLTVKLPDGYEFKFPNRLNLEAINYMAADGDFKIK(CME)VAFD
;
B
#
loop_
_chem_comp.id
_chem_comp.type
_chem_comp.name
_chem_comp.formula
GAL D-saccharide, beta linking beta-D-galactopyranose 'C6 H12 O6'
GCO D-saccharide 'D-gluconic acid' 'C6 H12 O7'
#
# COMPACT_ATOMS: atom_id res chain seq x y z
N ALA A 1 -10.55 5.64 9.45
CA ALA A 1 -10.33 4.62 8.38
C ALA A 1 -10.25 3.21 8.93
N CYS A 2 -11.20 2.37 8.53
CA CYS A 2 -11.11 0.93 8.76
C CYS A 2 -10.36 0.27 7.61
N GLY A 3 -10.22 1.01 6.51
CA GLY A 3 -9.52 0.53 5.31
C GLY A 3 -8.03 0.82 5.33
N LEU A 4 -7.33 0.30 4.31
CA LEU A 4 -5.90 0.49 4.11
C LEU A 4 -5.46 1.95 4.20
N VAL A 5 -4.41 2.19 4.98
CA VAL A 5 -3.77 3.50 5.08
C VAL A 5 -2.31 3.36 4.65
N ALA A 6 -1.91 4.15 3.65
CA ALA A 6 -0.54 4.16 3.16
C ALA A 6 0.09 5.55 3.27
N SER A 7 1.32 5.59 3.75
CA SER A 7 2.08 6.83 3.79
C SER A 7 3.47 6.66 3.17
N ASN A 8 4.17 7.77 2.95
CA ASN A 8 5.45 7.79 2.20
C ASN A 8 5.32 7.27 0.77
N LEU A 9 4.18 7.55 0.13
CA LEU A 9 3.97 7.15 -1.26
C LEU A 9 4.96 7.78 -2.23
N ASN A 10 5.38 9.01 -1.93
CA ASN A 10 6.25 9.80 -2.80
C ASN A 10 5.82 9.81 -4.28
N LEU A 11 4.52 10.01 -4.49
CA LEU A 11 3.97 10.10 -5.84
C LEU A 11 4.26 11.48 -6.40
N LYS A 12 5.03 11.53 -7.48
CA LYS A 12 5.47 12.80 -8.09
C LYS A 12 4.57 13.17 -9.28
N PRO A 13 4.59 14.45 -9.70
CA PRO A 13 3.80 14.86 -10.87
C PRO A 13 4.07 14.00 -12.10
N GLY A 14 3.01 13.65 -12.84
CA GLY A 14 3.13 12.81 -14.02
C GLY A 14 3.09 11.31 -13.74
N GLU A 15 3.32 10.93 -12.48
CA GLU A 15 3.21 9.53 -12.07
C GLU A 15 1.76 9.09 -11.88
N CSO A 16 1.49 7.81 -12.13
CA CSO A 16 0.13 7.30 -12.14
CB CSO A 16 -0.17 6.65 -13.49
SG CSO A 16 -1.79 5.84 -13.50
C CSO A 16 -0.07 6.33 -10.98
O CSO A 16 0.74 5.43 -10.75
OD CSO A 16 -3.02 6.95 -14.15
N LEU A 17 -1.13 6.54 -10.21
CA LEU A 17 -1.47 5.64 -9.12
C LEU A 17 -2.71 4.86 -9.55
N ARG A 18 -2.59 3.54 -9.50
CA ARG A 18 -3.68 2.65 -9.91
C ARG A 18 -4.16 1.85 -8.72
N VAL A 19 -5.46 1.96 -8.44
CA VAL A 19 -6.06 1.25 -7.31
C VAL A 19 -7.16 0.33 -7.84
N ARG A 20 -7.08 -0.95 -7.49
CA ARG A 20 -8.13 -1.90 -7.80
C ARG A 20 -8.73 -2.45 -6.52
N GLY A 21 -10.06 -2.54 -6.48
CA GLY A 21 -10.77 -3.04 -5.31
C GLY A 21 -12.14 -3.60 -5.61
N GLU A 22 -12.69 -4.32 -4.64
CA GLU A 22 -14.02 -4.92 -4.75
C GLU A 22 -15.01 -4.03 -4.02
N VAL A 23 -16.06 -3.64 -4.73
CA VAL A 23 -17.16 -2.89 -4.14
C VAL A 23 -18.12 -3.91 -3.53
N ALA A 24 -18.48 -3.71 -2.26
CA ALA A 24 -19.42 -4.60 -1.55
C ALA A 24 -20.77 -4.71 -2.27
N PRO A 25 -21.41 -5.90 -2.20
CA PRO A 25 -22.74 -6.06 -2.82
C PRO A 25 -23.81 -5.12 -2.27
N ASP A 26 -23.74 -4.78 -0.98
CA ASP A 26 -24.70 -3.86 -0.37
C ASP A 26 -24.06 -2.50 -0.08
N ALA A 27 -23.12 -2.11 -0.92
CA ALA A 27 -22.37 -0.86 -0.76
C ALA A 27 -23.29 0.35 -0.71
N LYS A 28 -22.99 1.27 0.21
CA LYS A 28 -23.68 2.56 0.28
C LYS A 28 -22.75 3.69 -0.16
N SER A 29 -21.46 3.53 0.15
CA SER A 29 -20.49 4.59 -0.03
C SER A 29 -19.07 4.02 0.06
N PHE A 30 -18.12 4.60 -0.67
CA PHE A 30 -16.70 4.39 -0.37
C PHE A 30 -15.86 5.66 -0.57
N VAL A 31 -14.69 5.67 0.04
CA VAL A 31 -13.82 6.84 0.06
C VAL A 31 -12.40 6.49 -0.34
N LEU A 32 -11.81 7.30 -1.22
CA LEU A 32 -10.36 7.33 -1.41
C LEU A 32 -9.86 8.73 -1.07
N ASN A 33 -8.95 8.81 -0.10
CA ASN A 33 -8.35 10.07 0.31
C ASN A 33 -6.88 10.10 -0.10
N LEU A 34 -6.48 11.18 -0.75
CA LEU A 34 -5.09 11.40 -1.15
C LEU A 34 -4.64 12.78 -0.68
N GLY A 35 -3.42 12.86 -0.18
CA GLY A 35 -2.87 14.16 0.20
C GLY A 35 -1.57 14.07 0.95
N LYS A 36 -1.42 14.95 1.93
CA LYS A 36 -0.23 15.01 2.78
CA LYS A 36 -0.23 15.02 2.79
C LYS A 36 -0.42 14.15 4.03
N ASP A 37 -1.59 14.27 4.65
CA ASP A 37 -1.97 13.50 5.83
C ASP A 37 -3.49 13.56 5.98
N SER A 38 -4.03 13.03 7.08
CA SER A 38 -5.47 12.96 7.30
C SER A 38 -6.17 14.33 7.37
N ASN A 39 -5.43 15.38 7.67
CA ASN A 39 -5.96 16.74 7.73
C ASN A 39 -5.77 17.56 6.45
N ASN A 40 -4.92 17.06 5.56
CA ASN A 40 -4.51 17.80 4.38
C ASN A 40 -4.63 16.97 3.10
N LEU A 41 -5.80 17.05 2.48
CA LEU A 41 -6.17 16.19 1.35
C LEU A 41 -6.34 16.99 0.06
N CYS A 42 -5.53 16.67 -0.94
CA CYS A 42 -5.72 17.30 -2.24
C CYS A 42 -6.88 16.64 -2.98
N LEU A 43 -7.25 15.43 -2.57
CA LEU A 43 -8.40 14.75 -3.14
C LEU A 43 -9.14 13.83 -2.15
N HIS A 44 -10.40 14.16 -1.91
CA HIS A 44 -11.34 13.29 -1.22
C HIS A 44 -12.33 12.83 -2.30
N PHE A 45 -12.23 11.55 -2.67
CA PHE A 45 -13.01 10.96 -3.76
C PHE A 45 -14.03 10.02 -3.11
N ASN A 46 -15.32 10.35 -3.26
CA ASN A 46 -16.36 9.69 -2.47
C ASN A 46 -17.60 9.35 -3.33
N PRO A 47 -17.55 8.22 -4.05
CA PRO A 47 -18.75 7.73 -4.75
C PRO A 47 -19.83 7.35 -3.75
N ARG A 48 -21.00 7.96 -3.89
CA ARG A 48 -22.14 7.65 -3.03
C ARG A 48 -23.17 6.85 -3.80
N PHE A 49 -23.29 5.58 -3.48
CA PHE A 49 -24.35 4.73 -4.03
C PHE A 49 -25.66 5.16 -3.41
N ASN A 50 -25.68 5.18 -2.08
CA ASN A 50 -26.82 5.65 -1.30
C ASN A 50 -26.38 6.17 0.08
N ALA A 51 -26.01 7.44 0.15
CA ALA A 51 -25.54 8.07 1.37
C ALA A 51 -25.74 9.58 1.33
N HIS A 52 -26.02 10.17 2.49
CA HIS A 52 -26.23 11.62 2.66
C HIS A 52 -27.33 12.20 1.75
N GLY A 53 -28.33 11.39 1.44
CA GLY A 53 -29.40 11.82 0.54
C GLY A 53 -29.08 11.70 -0.94
N ASP A 54 -27.80 11.43 -1.24
CA ASP A 54 -27.32 11.26 -2.62
C ASP A 54 -27.49 9.83 -3.14
N ALA A 55 -27.70 9.72 -4.45
CA ALA A 55 -27.82 8.44 -5.11
C ALA A 55 -26.97 8.45 -6.37
N ASN A 56 -26.14 7.42 -6.53
CA ASN A 56 -25.24 7.29 -7.67
C ASN A 56 -24.58 8.61 -8.09
N THR A 57 -23.88 9.23 -7.15
CA THR A 57 -23.16 10.47 -7.42
C THR A 57 -21.75 10.40 -6.86
N ILE A 58 -20.80 10.85 -7.66
CA ILE A 58 -19.43 11.02 -7.19
C ILE A 58 -19.29 12.42 -6.59
N VAL A 59 -18.91 12.47 -5.32
CA VAL A 59 -18.64 13.72 -4.63
C VAL A 59 -17.14 13.83 -4.43
N CYS A 60 -16.58 14.97 -4.82
CA CYS A 60 -15.17 15.26 -4.61
C CYS A 60 -15.03 16.52 -3.78
N ASN A 61 -13.96 16.58 -2.99
CA ASN A 61 -13.64 17.76 -2.19
C ASN A 61 -12.17 17.73 -1.81
N SER A 62 -11.71 18.80 -1.18
CA SER A 62 -10.38 18.86 -0.61
C SER A 62 -10.52 19.12 0.88
N LYS A 63 -9.42 18.99 1.62
CA LYS A 63 -9.39 19.34 3.03
C LYS A 63 -8.07 20.04 3.29
N ASP A 64 -8.13 21.23 3.88
CA ASP A 64 -6.94 22.05 4.06
C ASP A 64 -6.80 22.48 5.52
N GLY A 65 -5.80 21.94 6.20
CA GLY A 65 -5.63 22.19 7.64
C GLY A 65 -6.89 21.84 8.41
N GLY A 66 -7.48 20.71 8.09
CA GLY A 66 -8.69 20.24 8.75
C GLY A 66 -10.02 20.76 8.23
N ALA A 67 -9.98 21.77 7.36
CA ALA A 67 -11.21 22.37 6.84
C ALA A 67 -11.57 21.85 5.45
N TRP A 68 -12.78 21.32 5.32
CA TRP A 68 -13.33 20.93 4.02
C TRP A 68 -13.45 22.13 3.09
N GLY A 69 -13.08 21.94 1.83
CA GLY A 69 -13.22 22.97 0.82
C GLY A 69 -14.60 22.94 0.18
N THR A 70 -14.71 23.51 -1.01
CA THR A 70 -15.96 23.53 -1.76
C THR A 70 -16.16 22.22 -2.51
N GLU A 71 -17.24 21.53 -2.17
CA GLU A 71 -17.64 20.28 -2.80
C GLU A 71 -17.93 20.44 -4.29
N GLN A 72 -17.48 19.46 -5.08
CA GLN A 72 -17.88 19.34 -6.49
C GLN A 72 -18.49 17.97 -6.72
N ARG A 73 -19.53 17.92 -7.54
CA ARG A 73 -20.15 16.65 -7.94
C ARG A 73 -19.92 16.38 -9.44
N GLU A 74 -19.67 15.11 -9.77
CA GLU A 74 -19.46 14.76 -11.18
C GLU A 74 -20.76 14.22 -11.79
N ALA A 75 -20.79 14.10 -13.11
CA ALA A 75 -22.01 13.75 -13.84
C ALA A 75 -22.15 12.24 -14.14
N VAL A 76 -21.05 11.50 -14.03
CA VAL A 76 -21.06 10.09 -14.36
C VAL A 76 -20.86 9.24 -13.10
N PHE A 77 -21.47 8.06 -13.09
CA PHE A 77 -21.30 7.11 -12.01
C PHE A 77 -21.14 5.69 -12.60
N PRO A 78 -19.90 5.33 -12.97
CA PRO A 78 -19.66 4.03 -13.62
C PRO A 78 -19.31 2.92 -12.65
N PHE A 79 -19.90 2.94 -11.46
CA PHE A 79 -19.61 1.93 -10.44
C PHE A 79 -20.83 1.04 -10.19
N GLN A 80 -20.58 -0.25 -10.07
CA GLN A 80 -21.63 -1.23 -9.76
C GLN A 80 -21.33 -1.88 -8.42
N PRO A 81 -22.34 -2.00 -7.53
CA PRO A 81 -22.13 -2.73 -6.28
C PRO A 81 -21.85 -4.21 -6.59
N GLY A 82 -21.00 -4.84 -5.79
CA GLY A 82 -20.68 -6.26 -6.01
C GLY A 82 -19.84 -6.51 -7.24
N SER A 83 -18.98 -5.57 -7.58
CA SER A 83 -18.07 -5.72 -8.71
C SER A 83 -16.68 -5.18 -8.39
N VAL A 84 -15.74 -5.49 -9.27
CA VAL A 84 -14.35 -5.05 -9.16
C VAL A 84 -14.17 -3.77 -9.97
N ALA A 85 -13.50 -2.78 -9.37
CA ALA A 85 -13.30 -1.49 -10.03
C ALA A 85 -11.87 -0.99 -9.89
N GLU A 86 -11.32 -0.50 -10.99
CA GLU A 86 -10.02 0.15 -10.98
C GLU A 86 -10.17 1.66 -11.17
N VAL A 87 -9.35 2.42 -10.44
CA VAL A 87 -9.32 3.87 -10.52
C VAL A 87 -7.85 4.26 -10.71
N CSO A 88 -7.58 5.13 -11.67
CA CSO A 88 -6.22 5.66 -11.89
CB CSO A 88 -5.64 5.30 -13.27
SG CSO A 88 -6.04 3.59 -13.74
C CSO A 88 -6.16 7.16 -11.69
O CSO A 88 -7.01 7.91 -12.20
OD CSO A 88 -6.85 3.54 -15.34
N ILE A 89 -5.14 7.61 -10.97
CA ILE A 89 -5.00 9.01 -10.60
C ILE A 89 -3.60 9.51 -10.93
N THR A 90 -3.53 10.60 -11.70
N THR A 90 -3.53 10.60 -11.68
CA THR A 90 -2.31 11.36 -11.93
CA THR A 90 -2.28 11.33 -11.88
C THR A 90 -2.51 12.78 -11.41
C THR A 90 -2.51 12.81 -11.55
N PHE A 91 -1.44 13.55 -11.29
CA PHE A 91 -1.55 14.97 -10.93
C PHE A 91 -0.41 15.83 -11.44
N ASP A 92 -0.70 17.13 -11.57
CA ASP A 92 0.31 18.17 -11.72
C ASP A 92 -0.03 19.30 -10.74
N GLN A 93 0.64 20.44 -10.88
CA GLN A 93 0.43 21.58 -9.98
C GLN A 93 -0.99 22.16 -10.06
N ALA A 94 -1.62 22.05 -11.22
CA ALA A 94 -2.93 22.65 -11.46
C ALA A 94 -4.12 21.72 -11.19
N ASN A 95 -4.00 20.46 -11.62
CA ASN A 95 -5.14 19.53 -11.56
C ASN A 95 -4.76 18.10 -11.16
N LEU A 96 -5.68 17.40 -10.52
CA LEU A 96 -5.63 15.94 -10.45
C LEU A 96 -6.52 15.41 -11.57
N THR A 97 -6.00 14.41 -12.30
CA THR A 97 -6.77 13.76 -13.34
C THR A 97 -7.17 12.39 -12.85
N VAL A 98 -8.48 12.17 -12.77
CA VAL A 98 -9.03 10.91 -12.30
C VAL A 98 -9.61 10.13 -13.47
N LYS A 99 -9.04 8.96 -13.74
CA LYS A 99 -9.55 8.07 -14.79
C LYS A 99 -10.37 6.95 -14.16
N LEU A 100 -11.59 6.79 -14.67
CA LEU A 100 -12.59 5.89 -14.11
C LEU A 100 -12.78 4.64 -14.98
N PRO A 101 -13.47 3.61 -14.45
CA PRO A 101 -13.85 2.50 -15.33
C PRO A 101 -14.75 3.01 -16.45
N ASP A 102 -14.85 2.24 -17.55
CA ASP A 102 -15.64 2.64 -18.72
C ASP A 102 -15.10 3.91 -19.39
N GLY A 103 -13.84 4.21 -19.12
CA GLY A 103 -13.10 5.22 -19.87
C GLY A 103 -13.25 6.68 -19.48
N TYR A 104 -14.28 7.00 -18.68
CA TYR A 104 -14.50 8.41 -18.31
C TYR A 104 -13.37 8.99 -17.46
N GLU A 105 -13.08 10.26 -17.70
CA GLU A 105 -11.95 10.94 -17.12
C GLU A 105 -12.41 12.34 -16.73
N PHE A 106 -12.08 12.76 -15.51
CA PHE A 106 -12.36 14.12 -15.08
C PHE A 106 -11.19 14.76 -14.37
N LYS A 107 -11.20 16.08 -14.30
CA LYS A 107 -10.17 16.82 -13.62
C LYS A 107 -10.72 17.48 -12.37
N PHE A 108 -9.94 17.48 -11.30
CA PHE A 108 -10.30 18.19 -10.08
C PHE A 108 -9.12 19.10 -9.76
N PRO A 109 -9.39 20.39 -9.48
CA PRO A 109 -8.29 21.34 -9.29
C PRO A 109 -7.43 20.96 -8.08
N ASN A 110 -6.12 21.10 -8.22
CA ASN A 110 -5.21 20.92 -7.10
C ASN A 110 -5.21 22.21 -6.26
N ARG A 111 -5.92 22.18 -5.14
CA ARG A 111 -6.10 23.36 -4.29
C ARG A 111 -5.00 23.54 -3.28
N LEU A 112 -4.21 22.48 -3.08
CA LEU A 112 -3.11 22.52 -2.13
C LEU A 112 -1.78 22.85 -2.84
N ASN A 113 -0.72 23.01 -2.07
CA ASN A 113 0.58 23.37 -2.63
C ASN A 113 1.52 22.18 -2.57
N LEU A 114 1.07 21.04 -3.09
CA LEU A 114 1.77 19.77 -2.87
C LEU A 114 2.78 19.42 -3.94
N GLU A 115 4.03 19.30 -3.53
CA GLU A 115 5.12 18.84 -4.38
C GLU A 115 4.91 17.37 -4.77
N ALA A 116 4.41 16.59 -3.81
CA ALA A 116 4.20 15.16 -3.97
C ALA A 116 3.02 14.70 -3.13
N ILE A 117 2.44 13.56 -3.50
CA ILE A 117 1.39 12.93 -2.72
C ILE A 117 2.01 11.83 -1.87
N ASN A 118 1.90 11.95 -0.55
CA ASN A 118 2.53 11.02 0.38
C ASN A 118 1.58 10.15 1.18
N TYR A 119 0.28 10.41 1.06
CA TYR A 119 -0.69 9.77 1.91
C TYR A 119 -1.89 9.27 1.11
N MET A 120 -2.30 8.04 1.39
CA MET A 120 -3.52 7.47 0.82
C MET A 120 -4.28 6.71 1.88
N ALA A 121 -5.59 6.92 1.93
CA ALA A 121 -6.46 6.16 2.83
C ALA A 121 -7.74 5.79 2.10
N ALA A 122 -8.18 4.54 2.30
CA ALA A 122 -9.45 4.08 1.80
C ALA A 122 -10.38 3.86 2.97
N ASP A 123 -11.68 3.96 2.73
CA ASP A 123 -12.68 3.76 3.76
C ASP A 123 -14.00 3.34 3.14
N GLY A 124 -14.84 2.68 3.93
CA GLY A 124 -16.18 2.33 3.47
C GLY A 124 -16.25 0.99 2.76
N ASP A 125 -17.17 0.90 1.82
CA ASP A 125 -17.57 -0.36 1.21
C ASP A 125 -16.69 -0.74 0.01
N PHE A 126 -15.37 -0.70 0.21
CA PHE A 126 -14.39 -0.89 -0.86
C PHE A 126 -13.21 -1.65 -0.29
N LYS A 127 -12.94 -2.83 -0.84
CA LYS A 127 -11.82 -3.63 -0.37
C LYS A 127 -10.69 -3.59 -1.40
N ILE A 128 -9.60 -2.94 -1.04
CA ILE A 128 -8.43 -2.84 -1.91
C ILE A 128 -7.77 -4.20 -2.16
N LYS A 129 -7.56 -4.52 -3.43
CA LYS A 129 -6.94 -5.77 -3.85
C LYS A 129 -5.53 -5.57 -4.40
N CME A 130 -5.30 -4.40 -5.00
CA CME A 130 -4.06 -4.13 -5.72
CB CME A 130 -4.21 -4.69 -7.13
SG CME A 130 -2.72 -4.55 -8.06
SD CME A 130 -2.69 -2.82 -9.05
CE CME A 130 -4.19 -2.30 -9.80
CZ CME A 130 -3.90 -2.04 -11.27
OH CME A 130 -3.37 -3.22 -11.89
C CME A 130 -3.80 -2.66 -5.79
O CME A 130 -4.69 -1.86 -6.12
N VAL A 131 -2.56 -2.27 -5.45
CA VAL A 131 -2.09 -0.89 -5.64
C VAL A 131 -0.80 -0.91 -6.46
N ALA A 132 -0.75 -0.08 -7.50
CA ALA A 132 0.43 -0.01 -8.36
C ALA A 132 0.85 1.44 -8.64
N PHE A 133 2.16 1.66 -8.72
CA PHE A 133 2.75 2.97 -8.99
C PHE A 133 3.38 2.94 -10.37
N ASP A 134 3.00 3.92 -11.19
CA ASP A 134 3.31 3.88 -12.61
C ASP A 134 3.79 5.25 -13.10
N ALA B 1 10.20 3.00 7.21
CA ALA B 1 10.79 4.19 7.88
C ALA B 1 11.03 5.36 6.92
N CYS B 2 11.42 5.04 5.68
CA CYS B 2 11.60 6.05 4.63
C CYS B 2 10.89 5.64 3.33
N GLY B 3 10.75 4.33 3.13
CA GLY B 3 9.94 3.81 2.03
C GLY B 3 8.49 3.66 2.44
N LEU B 4 7.70 3.04 1.57
CA LEU B 4 6.27 2.83 1.80
C LEU B 4 5.91 2.21 3.15
N VAL B 5 4.99 2.85 3.86
CA VAL B 5 4.41 2.31 5.08
C VAL B 5 2.92 2.11 4.87
N ALA B 6 2.43 0.91 5.20
CA ALA B 6 1.00 0.60 5.09
C ALA B 6 0.46 -0.04 6.37
N SER B 7 -0.72 0.38 6.78
CA SER B 7 -1.40 -0.22 7.93
C SER B 7 -2.87 -0.54 7.63
N ASN B 8 -3.52 -1.25 8.55
CA ASN B 8 -4.87 -1.80 8.33
C ASN B 8 -4.92 -2.75 7.13
N LEU B 9 -3.85 -3.53 6.95
CA LEU B 9 -3.74 -4.50 5.86
C LEU B 9 -4.78 -5.62 5.97
N ASN B 10 -5.08 -6.01 7.20
CA ASN B 10 -6.08 -7.04 7.49
C ASN B 10 -5.78 -8.34 6.74
N LEU B 11 -4.49 -8.69 6.68
CA LEU B 11 -4.06 -9.89 5.99
C LEU B 11 -4.29 -11.09 6.91
N LYS B 12 -5.02 -12.07 6.40
CA LYS B 12 -5.45 -13.24 7.19
C LYS B 12 -4.61 -14.48 6.85
N PRO B 13 -4.57 -15.49 7.76
CA PRO B 13 -3.85 -16.73 7.47
C PRO B 13 -4.33 -17.32 6.15
N GLY B 14 -3.39 -17.74 5.31
CA GLY B 14 -3.74 -18.31 4.01
C GLY B 14 -3.67 -17.35 2.84
N GLU B 15 -3.97 -16.07 3.08
CA GLU B 15 -3.90 -15.03 2.04
C GLU B 15 -2.46 -14.75 1.61
N CSO B 16 -2.30 -14.40 0.33
CA CSO B 16 -0.98 -14.19 -0.23
CB CSO B 16 -0.84 -14.95 -1.55
SG CSO B 16 0.84 -14.81 -2.21
C CSO B 16 -0.75 -12.68 -0.43
O CSO B 16 -1.58 -12.00 -1.04
OD CSO B 16 1.89 -15.96 -1.34
N LEU B 17 0.35 -12.18 0.13
CA LEU B 17 0.78 -10.81 -0.09
C LEU B 17 1.91 -10.83 -1.11
N ARG B 18 1.70 -10.16 -2.24
CA ARG B 18 2.71 -10.04 -3.30
C ARG B 18 3.25 -8.63 -3.37
N VAL B 19 4.56 -8.50 -3.33
CA VAL B 19 5.23 -7.21 -3.44
C VAL B 19 6.23 -7.23 -4.59
N ARG B 20 6.07 -6.31 -5.55
CA ARG B 20 7.06 -6.12 -6.59
C ARG B 20 7.74 -4.78 -6.43
N GLY B 21 9.07 -4.77 -6.53
CA GLY B 21 9.84 -3.54 -6.43
C GLY B 21 11.12 -3.53 -7.25
N GLU B 22 11.76 -2.37 -7.30
CA GLU B 22 13.02 -2.18 -8.01
C GLU B 22 14.20 -2.19 -7.04
N VAL B 23 15.14 -3.09 -7.27
CA VAL B 23 16.38 -3.12 -6.49
C VAL B 23 17.37 -2.12 -7.08
N ALA B 24 17.85 -1.20 -6.25
CA ALA B 24 18.81 -0.18 -6.67
C ALA B 24 20.04 -0.79 -7.37
N PRO B 25 20.63 -0.06 -8.34
CA PRO B 25 21.84 -0.58 -9.01
C PRO B 25 23.07 -0.60 -8.10
N ASP B 26 23.05 0.25 -7.07
CA ASP B 26 24.13 0.31 -6.08
C ASP B 26 23.69 -0.25 -4.71
N ALA B 27 22.79 -1.23 -4.75
CA ALA B 27 22.12 -1.75 -3.53
C ALA B 27 23.07 -2.34 -2.49
N LYS B 28 22.94 -1.88 -1.25
CA LYS B 28 23.68 -2.44 -0.13
C LYS B 28 22.80 -3.37 0.70
N SER B 29 21.51 -3.02 0.80
CA SER B 29 20.60 -3.64 1.75
C SER B 29 19.18 -3.09 1.58
N PHE B 30 18.17 -3.94 1.74
CA PHE B 30 16.78 -3.47 1.85
C PHE B 30 15.98 -4.27 2.88
N VAL B 31 14.88 -3.69 3.34
CA VAL B 31 14.09 -4.25 4.44
C VAL B 31 12.61 -4.32 4.09
N LEU B 32 11.97 -5.46 4.36
CA LEU B 32 10.52 -5.54 4.45
C LEU B 32 10.13 -5.92 5.87
N ASN B 33 9.31 -5.09 6.51
CA ASN B 33 8.81 -5.34 7.85
C ASN B 33 7.33 -5.66 7.80
N LEU B 34 6.96 -6.75 8.44
CA LEU B 34 5.56 -7.17 8.53
CA LEU B 34 5.56 -7.15 8.54
C LEU B 34 5.20 -7.43 9.99
N GLY B 35 3.97 -7.06 10.36
CA GLY B 35 3.50 -7.40 11.71
C GLY B 35 2.22 -6.71 12.12
N LYS B 36 2.16 -6.37 13.40
CA LYS B 36 1.01 -5.71 14.00
C LYS B 36 1.16 -4.17 13.90
N ASP B 37 2.35 -3.70 14.22
CA ASP B 37 2.73 -2.29 14.12
C ASP B 37 4.25 -2.25 14.14
N SER B 38 4.84 -1.06 14.18
CA SER B 38 6.31 -0.92 14.08
C SER B 38 7.09 -1.56 15.25
N ASN B 39 6.41 -1.82 16.36
CA ASN B 39 7.03 -2.41 17.55
C ASN B 39 6.79 -3.90 17.69
N ASN B 40 5.89 -4.42 16.89
CA ASN B 40 5.53 -5.84 16.95
C ASN B 40 5.55 -6.44 15.55
N LEU B 41 6.71 -6.96 15.19
CA LEU B 41 6.96 -7.48 13.85
C LEU B 41 7.12 -9.00 13.88
N CYS B 42 6.28 -9.71 13.12
CA CYS B 42 6.45 -11.15 12.98
C CYS B 42 7.54 -11.48 11.95
N LEU B 43 7.83 -10.53 11.05
CA LEU B 43 8.91 -10.72 10.09
C LEU B 43 9.64 -9.42 9.75
N HIS B 44 10.93 -9.41 10.05
CA HIS B 44 11.87 -8.39 9.58
C HIS B 44 12.72 -9.08 8.53
N PHE B 45 12.50 -8.74 7.28
CA PHE B 45 13.12 -9.41 6.13
C PHE B 45 14.19 -8.49 5.57
N ASN B 46 15.45 -8.88 5.70
CA ASN B 46 16.58 -7.99 5.41
C ASN B 46 17.68 -8.63 4.54
N PRO B 47 17.46 -8.67 3.22
CA PRO B 47 18.53 -9.08 2.31
C PRO B 47 19.66 -8.06 2.35
N ARG B 48 20.88 -8.52 2.65
CA ARG B 48 22.05 -7.66 2.70
C ARG B 48 23.02 -8.03 1.58
N PHE B 49 23.14 -7.16 0.58
CA PHE B 49 24.10 -7.37 -0.52
C PHE B 49 25.52 -7.20 0.00
N ASN B 50 25.75 -6.06 0.65
CA ASN B 50 27.00 -5.75 1.34
C ASN B 50 26.69 -4.75 2.46
N ALA B 51 26.40 -5.26 3.64
CA ALA B 51 26.08 -4.44 4.81
C ALA B 51 26.32 -5.21 6.09
N HIS B 52 26.75 -4.50 7.14
CA HIS B 52 27.02 -5.08 8.47
C HIS B 52 28.00 -6.27 8.45
N GLY B 53 28.93 -6.26 7.49
CA GLY B 53 29.89 -7.36 7.35
C GLY B 53 29.35 -8.59 6.63
N ASP B 54 28.04 -8.57 6.34
CA ASP B 54 27.37 -9.63 5.59
C ASP B 54 27.39 -9.33 4.10
N ALA B 55 27.76 -10.34 3.32
CA ALA B 55 27.67 -10.25 1.87
C ALA B 55 26.70 -11.29 1.35
N ASN B 56 25.83 -10.87 0.42
CA ASN B 56 24.81 -11.73 -0.17
C ASN B 56 24.11 -12.67 0.82
N THR B 57 23.58 -12.08 1.89
CA THR B 57 22.93 -12.86 2.95
C THR B 57 21.59 -12.25 3.35
N ILE B 58 20.56 -13.09 3.44
CA ILE B 58 19.27 -12.65 3.97
C ILE B 58 19.24 -12.87 5.48
N VAL B 59 18.97 -11.79 6.20
CA VAL B 59 18.80 -11.86 7.65
C VAL B 59 17.32 -11.70 8.00
N CYS B 60 16.82 -12.62 8.81
CA CYS B 60 15.46 -12.55 9.32
C CYS B 60 15.43 -12.43 10.84
N ASN B 61 14.47 -11.68 11.34
CA ASN B 61 14.27 -11.51 12.77
C ASN B 61 12.80 -11.15 13.07
N SER B 62 12.48 -11.11 14.36
CA SER B 62 11.20 -10.62 14.87
C SER B 62 11.45 -9.46 15.83
N LYS B 63 10.37 -8.81 16.24
CA LYS B 63 10.42 -7.73 17.21
C LYS B 63 9.16 -7.84 18.07
N ASP B 64 9.35 -7.93 19.39
CA ASP B 64 8.24 -8.18 20.31
C ASP B 64 8.21 -7.06 21.36
N GLY B 65 7.15 -6.26 21.33
CA GLY B 65 7.04 -5.08 22.18
C GLY B 65 8.29 -4.21 22.19
N GLY B 66 8.87 -4.00 21.01
CA GLY B 66 10.04 -3.12 20.87
C GLY B 66 11.40 -3.78 20.97
N ALA B 67 11.43 -5.05 21.38
CA ALA B 67 12.70 -5.78 21.55
C ALA B 67 12.94 -6.78 20.42
N TRP B 68 14.09 -6.66 19.75
CA TRP B 68 14.50 -7.61 18.70
C TRP B 68 14.64 -9.01 19.27
N GLY B 69 14.28 -10.02 18.47
CA GLY B 69 14.53 -11.42 18.81
C GLY B 69 15.89 -11.87 18.29
N THR B 70 16.05 -13.18 18.11
CA THR B 70 17.29 -13.75 17.59
C THR B 70 17.31 -13.79 16.06
N GLU B 71 18.41 -13.31 15.47
CA GLU B 71 18.59 -13.32 14.02
C GLU B 71 18.71 -14.74 13.47
N GLN B 72 18.07 -14.96 12.32
CA GLN B 72 18.28 -16.18 11.56
C GLN B 72 18.84 -15.81 10.20
N ARG B 73 19.88 -16.51 9.79
CA ARG B 73 20.49 -16.27 8.48
C ARG B 73 20.09 -17.37 7.52
N GLU B 74 19.63 -16.97 6.34
CA GLU B 74 19.15 -17.91 5.33
C GLU B 74 20.29 -18.46 4.47
N ALA B 75 19.99 -19.50 3.68
CA ALA B 75 21.00 -20.18 2.90
C ALA B 75 21.08 -19.65 1.47
N VAL B 76 20.03 -18.98 1.02
CA VAL B 76 19.90 -18.57 -0.39
C VAL B 76 19.84 -17.05 -0.60
N PHE B 77 20.19 -16.62 -1.80
CA PHE B 77 20.21 -15.21 -2.15
C PHE B 77 19.93 -14.97 -3.64
N PRO B 78 18.65 -14.96 -4.05
CA PRO B 78 18.35 -14.80 -5.46
C PRO B 78 18.13 -13.34 -5.92
N PHE B 79 18.83 -12.39 -5.31
CA PHE B 79 18.67 -10.99 -5.68
C PHE B 79 19.90 -10.42 -6.42
N GLN B 80 19.63 -9.59 -7.43
CA GLN B 80 20.68 -8.85 -8.13
C GLN B 80 20.40 -7.35 -8.05
N PRO B 81 21.45 -6.54 -7.78
CA PRO B 81 21.30 -5.09 -7.82
C PRO B 81 20.91 -4.61 -9.22
N GLY B 82 20.05 -3.59 -9.29
CA GLY B 82 19.60 -3.04 -10.57
C GLY B 82 18.56 -3.87 -11.30
N SER B 83 17.79 -4.67 -10.56
CA SER B 83 16.77 -5.52 -11.18
C SER B 83 15.41 -5.43 -10.46
N VAL B 84 14.39 -5.98 -11.10
CA VAL B 84 13.04 -6.05 -10.54
C VAL B 84 12.86 -7.36 -9.76
N ALA B 85 12.42 -7.26 -8.51
CA ALA B 85 12.22 -8.44 -7.67
C ALA B 85 10.81 -8.52 -7.09
N GLU B 86 10.25 -9.72 -7.11
CA GLU B 86 8.95 -9.97 -6.51
C GLU B 86 9.12 -10.91 -5.31
N VAL B 87 8.41 -10.61 -4.23
CA VAL B 87 8.39 -11.45 -3.04
C VAL B 87 6.94 -11.74 -2.65
N CME B 88 6.63 -13.00 -2.34
CA CME B 88 5.30 -13.39 -1.92
CB CME B 88 4.64 -14.39 -2.87
SG CME B 88 4.75 -13.86 -4.55
SD CME B 88 5.33 -15.42 -5.67
CE CME B 88 7.08 -15.66 -5.76
CZ CME B 88 7.75 -14.31 -5.96
OH CME B 88 8.66 -14.38 -7.06
C CME B 88 5.35 -13.95 -0.53
O CME B 88 6.19 -14.79 -0.21
N ILE B 89 4.45 -13.46 0.33
CA ILE B 89 4.41 -13.89 1.72
C ILE B 89 3.03 -14.42 2.07
N THR B 90 3.00 -15.58 2.72
CA THR B 90 1.80 -16.03 3.40
C THR B 90 2.16 -16.50 4.82
N PHE B 91 1.17 -16.74 5.66
CA PHE B 91 1.44 -17.17 7.03
C PHE B 91 0.33 -18.03 7.60
N ASP B 92 0.66 -18.77 8.65
CA ASP B 92 -0.32 -19.39 9.52
C ASP B 92 0.10 -19.22 10.97
N GLN B 93 -0.54 -19.95 11.87
CA GLN B 93 -0.32 -19.84 13.31
CA GLN B 93 -0.31 -19.82 13.30
C GLN B 93 1.13 -20.14 13.70
N ALA B 94 1.73 -21.09 13.00
CA ALA B 94 3.09 -21.56 13.30
C ALA B 94 4.22 -20.89 12.49
N ASN B 95 3.99 -20.65 11.21
CA ASN B 95 5.06 -20.20 10.30
C ASN B 95 4.65 -19.14 9.30
N LEU B 96 5.60 -18.28 8.95
CA LEU B 96 5.48 -17.46 7.74
C LEU B 96 6.21 -18.18 6.63
N THR B 97 5.67 -18.11 5.42
CA THR B 97 6.33 -18.69 4.26
C THR B 97 6.68 -17.57 3.28
N VAL B 98 7.96 -17.47 2.95
CA VAL B 98 8.43 -16.45 2.04
C VAL B 98 8.87 -17.07 0.72
N LYS B 99 8.22 -16.69 -0.37
CA LYS B 99 8.60 -17.16 -1.71
C LYS B 99 9.39 -16.10 -2.44
N LEU B 100 10.50 -16.50 -3.04
CA LEU B 100 11.47 -15.58 -3.64
C LEU B 100 11.54 -15.83 -5.14
N PRO B 101 12.22 -14.94 -5.90
CA PRO B 101 12.47 -15.21 -7.32
C PRO B 101 13.28 -16.51 -7.55
N ASP B 102 13.17 -17.06 -8.76
CA ASP B 102 13.89 -18.29 -9.16
C ASP B 102 13.47 -19.55 -8.39
N GLY B 103 12.29 -19.52 -7.80
CA GLY B 103 11.70 -20.70 -7.15
C GLY B 103 12.18 -21.01 -5.73
N TYR B 104 12.98 -20.11 -5.15
CA TYR B 104 13.42 -20.29 -3.77
C TYR B 104 12.33 -19.97 -2.76
N GLU B 105 12.37 -20.63 -1.62
CA GLU B 105 11.46 -20.32 -0.52
C GLU B 105 12.03 -20.78 0.81
N PHE B 106 11.63 -20.12 1.88
CA PHE B 106 11.98 -20.56 3.22
C PHE B 106 10.83 -20.30 4.18
N LYS B 107 10.91 -20.93 5.35
CA LYS B 107 9.93 -20.70 6.41
C LYS B 107 10.60 -20.01 7.58
N PHE B 108 9.85 -19.13 8.24
CA PHE B 108 10.30 -18.46 9.43
C PHE B 108 9.21 -18.60 10.49
N PRO B 109 9.56 -19.05 11.70
CA PRO B 109 8.53 -19.29 12.71
C PRO B 109 7.73 -18.03 13.07
N ASN B 110 6.43 -18.21 13.31
CA ASN B 110 5.56 -17.14 13.76
C ASN B 110 5.71 -16.99 15.27
N ARG B 111 6.79 -16.30 15.68
CA ARG B 111 7.17 -16.14 17.08
C ARG B 111 6.15 -15.39 17.96
N LEU B 112 5.34 -14.53 17.35
CA LEU B 112 4.38 -13.71 18.08
C LEU B 112 2.98 -14.31 18.11
N ASN B 113 2.81 -15.47 17.46
CA ASN B 113 1.50 -16.11 17.31
C ASN B 113 0.43 -15.16 16.76
N LEU B 114 0.80 -14.33 15.80
CA LEU B 114 -0.15 -13.40 15.20
C LEU B 114 -1.16 -14.14 14.32
N GLU B 115 -2.42 -13.72 14.41
CA GLU B 115 -3.50 -14.27 13.59
C GLU B 115 -3.93 -13.30 12.49
N ALA B 116 -3.35 -12.11 12.47
CA ALA B 116 -3.56 -11.14 11.39
C ALA B 116 -2.32 -10.29 11.20
N ILE B 117 -1.99 -9.99 9.94
CA ILE B 117 -0.93 -9.04 9.64
C ILE B 117 -1.55 -7.72 9.21
N ASN B 118 -1.30 -6.68 10.00
CA ASN B 118 -1.94 -5.39 9.78
C ASN B 118 -1.00 -4.27 9.33
N TYR B 119 0.30 -4.55 9.37
CA TYR B 119 1.32 -3.55 9.15
C TYR B 119 2.41 -4.03 8.22
N MET B 120 2.83 -3.15 7.31
CA MET B 120 3.96 -3.40 6.43
C MET B 120 4.74 -2.12 6.18
N ALA B 121 6.06 -2.24 6.17
CA ALA B 121 6.96 -1.12 5.88
C ALA B 121 8.14 -1.60 5.02
N ALA B 122 8.55 -0.76 4.07
CA ALA B 122 9.74 -0.98 3.27
C ALA B 122 10.81 0.05 3.62
N ASP B 123 12.07 -0.34 3.53
CA ASP B 123 13.18 0.58 3.79
C ASP B 123 14.40 0.18 2.97
N GLY B 124 15.38 1.09 2.88
CA GLY B 124 16.62 0.81 2.17
C GLY B 124 16.48 0.87 0.65
N ASP B 125 17.25 0.04 -0.04
CA ASP B 125 17.46 0.17 -1.48
C ASP B 125 16.49 -0.65 -2.32
N PHE B 126 15.20 -0.38 -2.11
CA PHE B 126 14.12 -1.12 -2.76
C PHE B 126 12.96 -0.17 -2.95
N LYS B 127 12.53 0.02 -4.19
CA LYS B 127 11.41 0.90 -4.47
C LYS B 127 10.22 0.05 -4.85
N ILE B 128 9.17 0.09 -4.02
CA ILE B 128 7.96 -0.68 -4.26
C ILE B 128 7.19 -0.14 -5.47
N LYS B 129 6.85 -1.03 -6.40
CA LYS B 129 6.09 -0.67 -7.59
C LYS B 129 4.65 -1.17 -7.55
N CME B 130 4.41 -2.25 -6.82
CA CME B 130 3.12 -2.93 -6.83
CB CME B 130 3.07 -3.84 -8.06
SG CME B 130 1.43 -4.39 -8.39
SD CME B 130 1.17 -6.22 -7.63
CE CME B 130 2.62 -7.04 -7.04
CZ CME B 130 2.81 -8.34 -7.81
OH CME B 130 3.61 -8.10 -8.99
C CME B 130 2.92 -3.75 -5.58
O CME B 130 3.83 -4.48 -5.17
N VAL B 131 1.75 -3.63 -4.98
CA VAL B 131 1.36 -4.46 -3.84
C VAL B 131 -0.01 -5.04 -4.13
N ALA B 132 -0.14 -6.37 -3.96
CA ALA B 132 -1.41 -7.06 -4.21
C ALA B 132 -1.73 -8.09 -3.14
N PHE B 133 -3.02 -8.28 -2.90
CA PHE B 133 -3.53 -9.28 -1.95
C PHE B 133 -4.32 -10.37 -2.69
N ASP B 134 -3.82 -11.59 -2.64
CA ASP B 134 -4.53 -12.77 -3.15
C ASP B 134 -5.03 -13.64 -2.00
C1 GCO C . -24.47 17.87 0.78
C2 GCO C . -23.41 18.05 1.83
C3 GCO C . -22.81 16.70 2.26
C4 GCO C . -21.83 16.82 3.43
C5 GCO C . -22.51 17.26 4.74
C6 GCO C . -23.28 16.13 5.43
O1A GCO C . -24.36 18.51 -0.29
O1B GCO C . -25.40 17.06 0.99
O2 GCO C . -22.37 18.90 1.32
O3 GCO C . -22.17 16.06 1.14
O4 GCO C . -21.11 15.59 3.60
O5 GCO C . -21.53 17.79 5.64
O6 GCO C . -23.83 16.62 6.65
C1 GAL C . -19.81 15.47 3.81
C2 GAL C . -19.52 14.09 4.42
C3 GAL C . -18.01 13.88 4.58
C4 GAL C . -17.30 14.15 3.26
C5 GAL C . -17.66 15.56 2.78
C6 GAL C . -16.97 15.91 1.46
O2 GAL C . -20.16 13.98 5.68
O3 GAL C . -17.74 12.56 5.03
O4 GAL C . -17.68 13.18 2.29
O5 GAL C . -19.06 15.66 2.61
O6 GAL C . -17.35 17.20 1.06
C1 GCO D . 25.50 -8.81 13.18
C2 GCO D . 24.57 -8.05 14.10
C3 GCO D . 23.66 -7.14 13.26
C4 GCO D . 22.68 -6.29 14.09
C5 GCO D . 23.32 -5.63 15.32
C6 GCO D . 23.67 -4.15 15.13
O1A GCO D . 25.53 -10.06 13.26
O1B GCO D . 26.18 -8.17 12.35
O2 GCO D . 23.81 -8.95 14.91
O3 GCO D . 22.93 -7.94 12.33
O4 GCO D . 22.03 -5.33 13.23
O5 GCO D . 22.44 -5.78 16.42
O6 GCO D . 24.72 -3.99 14.16
C1 GAL D . 20.71 -5.11 13.25
C2 GAL D . 20.46 -3.97 12.26
C3 GAL D . 18.96 -3.71 12.08
C4 GAL D . 18.19 -5.01 11.84
C5 GAL D . 18.54 -6.05 12.92
C6 GAL D . 17.81 -7.36 12.64
O2 GAL D . 21.11 -2.80 12.71
O3 GAL D . 18.75 -2.83 11.00
O4 GAL D . 18.48 -5.52 10.56
O5 GAL D . 19.93 -6.27 12.94
O6 GAL D . 18.16 -8.33 13.60
#